data_1WNK
#
_entry.id   1WNK
#
_entity_poly.entity_id   1
_entity_poly.type   'polypeptide(L)'
_entity_poly.pdbx_seq_one_letter_code
;ETREQRAIRLARMSAYAARRLAN
;
_entity_poly.pdbx_strand_id   A
#
# COMPACT_ATOMS: atom_id res chain seq x y z
N GLU A 1 10.12 8.48 6.47
CA GLU A 1 9.66 8.40 5.06
C GLU A 1 9.09 9.72 4.59
N THR A 2 9.34 10.06 3.32
CA THR A 2 8.84 11.30 2.74
C THR A 2 7.45 11.11 2.15
N ARG A 3 6.89 12.18 1.61
CA ARG A 3 5.55 12.14 1.01
C ARG A 3 5.49 11.10 -0.09
N GLU A 4 6.55 11.01 -0.89
CA GLU A 4 6.61 10.05 -1.99
C GLU A 4 6.72 8.63 -1.45
N GLN A 5 7.75 8.36 -0.67
CA GLN A 5 7.97 7.03 -0.10
C GLN A 5 6.76 6.58 0.70
N ARG A 6 6.20 7.48 1.50
CA ARG A 6 5.04 7.17 2.32
C ARG A 6 3.87 6.76 1.44
N ALA A 7 3.51 7.64 0.50
CA ALA A 7 2.40 7.38 -0.42
C ALA A 7 2.54 6.00 -1.05
N ILE A 8 3.59 5.81 -1.84
CA ILE A 8 3.84 4.54 -2.50
C ILE A 8 3.70 3.39 -1.53
N ARG A 9 4.04 3.65 -0.26
CA ARG A 9 3.92 2.64 0.78
C ARG A 9 2.46 2.29 1.01
N LEU A 10 1.61 3.32 0.99
CA LEU A 10 0.19 3.14 1.18
C LEU A 10 -0.39 2.30 0.05
N ALA A 11 -0.03 2.65 -1.18
CA ALA A 11 -0.51 1.92 -2.35
C ALA A 11 -0.03 0.48 -2.34
N ARG A 12 1.22 0.28 -1.96
CA ARG A 12 1.80 -1.06 -1.90
C ARG A 12 1.14 -1.90 -0.82
N MET A 13 1.11 -1.37 0.39
CA MET A 13 0.50 -2.08 1.52
C MET A 13 -0.97 -2.36 1.26
N SER A 14 -1.70 -1.36 0.78
CA SER A 14 -3.11 -1.50 0.49
C SER A 14 -3.33 -2.46 -0.67
N ALA A 15 -2.51 -2.32 -1.72
CA ALA A 15 -2.61 -3.17 -2.89
C ALA A 15 -2.37 -4.62 -2.52
N TYR A 16 -1.24 -4.88 -1.87
CA TYR A 16 -0.88 -6.23 -1.46
C TYR A 16 -1.94 -6.82 -0.53
N ALA A 17 -2.36 -6.03 0.45
CA ALA A 17 -3.38 -6.47 1.39
C ALA A 17 -4.67 -6.82 0.67
N ALA A 18 -5.05 -5.97 -0.28
CA ALA A 18 -6.27 -6.20 -1.05
C ALA A 18 -6.20 -7.51 -1.82
N ARG A 19 -4.99 -7.84 -2.27
CA ARG A 19 -4.78 -9.07 -3.03
C ARG A 19 -4.93 -10.29 -2.12
N ARG A 20 -4.24 -10.29 -0.99
CA ARG A 20 -4.31 -11.39 -0.05
C ARG A 20 -5.60 -11.35 0.76
N LEU A 21 -6.33 -10.24 0.67
CA LEU A 21 -7.58 -10.09 1.41
C LEU A 21 -8.57 -9.22 0.63
N ALA A 22 -8.86 -9.62 -0.61
CA ALA A 22 -9.79 -8.88 -1.45
C ALA A 22 -11.16 -8.75 -0.79
N ASN A 23 -11.63 -9.84 -0.19
CA ASN A 23 -12.93 -9.85 0.48
C ASN A 23 -12.75 -9.91 1.99
N GLU A 1 12.74 10.08 4.93
CA GLU A 1 11.25 10.11 5.00
C GLU A 1 10.69 11.18 4.08
N THR A 2 10.35 10.78 2.85
CA THR A 2 9.79 11.71 1.87
C THR A 2 8.34 11.36 1.56
N ARG A 3 7.62 12.33 1.00
CA ARG A 3 6.22 12.12 0.65
C ARG A 3 6.07 10.97 -0.34
N GLU A 4 7.07 10.78 -1.18
CA GLU A 4 7.06 9.72 -2.17
C GLU A 4 7.14 8.35 -1.51
N GLN A 5 8.10 8.19 -0.61
CA GLN A 5 8.28 6.92 0.10
C GLN A 5 7.04 6.57 0.91
N ARG A 6 6.52 7.54 1.64
CA ARG A 6 5.33 7.33 2.44
C ARG A 6 4.14 6.95 1.58
N ALA A 7 3.83 7.81 0.60
CA ALA A 7 2.72 7.57 -0.31
C ALA A 7 2.76 6.15 -0.89
N ILE A 8 3.80 5.87 -1.68
CA ILE A 8 3.95 4.55 -2.27
C ILE A 8 3.77 3.46 -1.23
N ARG A 9 4.16 3.75 0.00
CA ARG A 9 4.01 2.80 1.09
C ARG A 9 2.53 2.53 1.35
N LEU A 10 1.74 3.59 1.27
CA LEU A 10 0.31 3.51 1.46
C LEU A 10 -0.32 2.64 0.38
N ALA A 11 -0.01 2.96 -0.88
CA ALA A 11 -0.54 2.21 -2.01
C ALA A 11 -0.15 0.74 -1.93
N ARG A 12 1.11 0.48 -1.66
CA ARG A 12 1.61 -0.89 -1.56
C ARG A 12 0.86 -1.66 -0.47
N MET A 13 0.74 -1.04 0.70
CA MET A 13 0.06 -1.66 1.82
C MET A 13 -1.39 -1.97 1.46
N SER A 14 -2.10 -0.97 0.95
CA SER A 14 -3.49 -1.13 0.56
C SER A 14 -3.63 -2.22 -0.49
N ALA A 15 -2.68 -2.28 -1.41
CA ALA A 15 -2.69 -3.28 -2.47
C ALA A 15 -2.63 -4.69 -1.90
N TYR A 16 -1.71 -4.90 -0.97
CA TYR A 16 -1.55 -6.20 -0.33
C TYR A 16 -2.83 -6.61 0.40
N ALA A 17 -3.41 -5.66 1.12
CA ALA A 17 -4.65 -5.92 1.86
C ALA A 17 -5.78 -6.31 0.92
N ALA A 18 -5.87 -5.60 -0.20
CA ALA A 18 -6.92 -5.86 -1.19
C ALA A 18 -6.78 -7.27 -1.76
N ARG A 19 -5.55 -7.64 -2.12
CA ARG A 19 -5.30 -8.97 -2.67
C ARG A 19 -5.64 -10.06 -1.66
N ARG A 20 -5.36 -9.79 -0.39
CA ARG A 20 -5.64 -10.75 0.67
C ARG A 20 -7.14 -10.90 0.90
N LEU A 21 -7.79 -9.82 1.33
CA LEU A 21 -9.22 -9.84 1.58
C LEU A 21 -10.01 -10.12 0.30
N ALA A 22 -9.36 -9.93 -0.85
CA ALA A 22 -10.00 -10.17 -2.14
C ALA A 22 -10.67 -11.54 -2.19
N ASN A 23 -9.85 -12.58 -2.11
CA ASN A 23 -10.35 -13.95 -2.14
C ASN A 23 -11.27 -14.23 -0.96
N GLU A 1 11.91 8.87 5.37
CA GLU A 1 10.57 8.68 4.77
C GLU A 1 10.09 9.95 4.07
N THR A 2 10.43 10.08 2.80
CA THR A 2 10.03 11.25 2.02
C THR A 2 8.58 11.14 1.56
N ARG A 3 8.12 12.13 0.81
CA ARG A 3 6.76 12.14 0.31
C ARG A 3 6.49 10.94 -0.58
N GLU A 4 7.37 10.70 -1.54
CA GLU A 4 7.22 9.57 -2.45
C GLU A 4 7.20 8.25 -1.69
N GLN A 5 8.15 8.10 -0.76
CA GLN A 5 8.25 6.88 0.04
C GLN A 5 6.95 6.62 0.79
N ARG A 6 6.43 7.65 1.45
CA ARG A 6 5.18 7.53 2.20
C ARG A 6 4.04 7.08 1.29
N ALA A 7 3.84 7.82 0.21
CA ALA A 7 2.78 7.51 -0.77
C ALA A 7 2.83 6.05 -1.17
N ILE A 8 3.92 5.65 -1.84
CA ILE A 8 4.08 4.28 -2.27
C ILE A 8 3.78 3.31 -1.13
N ARG A 9 4.05 3.75 0.09
CA ARG A 9 3.79 2.93 1.26
C ARG A 9 2.29 2.75 1.44
N LEU A 10 1.54 3.82 1.18
CA LEU A 10 0.10 3.80 1.28
C LEU A 10 -0.49 2.84 0.27
N ALA A 11 -0.04 2.95 -0.97
CA ALA A 11 -0.51 2.10 -2.05
C ALA A 11 -0.22 0.62 -1.76
N ARG A 12 1.03 0.34 -1.41
CA ARG A 12 1.45 -1.02 -1.11
C ARG A 12 0.64 -1.60 0.05
N MET A 13 0.41 -0.79 1.07
CA MET A 13 -0.35 -1.22 2.23
C MET A 13 -1.79 -1.56 1.85
N SER A 14 -2.47 -0.60 1.22
CA SER A 14 -3.85 -0.80 0.80
C SER A 14 -3.95 -1.87 -0.28
N ALA A 15 -2.98 -1.87 -1.19
CA ALA A 15 -2.95 -2.84 -2.28
C ALA A 15 -2.87 -4.26 -1.73
N TYR A 16 -1.94 -4.48 -0.81
CA TYR A 16 -1.76 -5.80 -0.20
C TYR A 16 -3.04 -6.26 0.47
N ALA A 17 -3.69 -5.35 1.19
CA ALA A 17 -4.93 -5.67 1.89
C ALA A 17 -6.03 -6.08 0.90
N ALA A 18 -6.08 -5.37 -0.23
CA ALA A 18 -7.06 -5.65 -1.26
C ALA A 18 -6.82 -7.02 -1.87
N ARG A 19 -5.56 -7.43 -1.92
CA ARG A 19 -5.18 -8.73 -2.48
C ARG A 19 -5.52 -9.86 -1.52
N ARG A 20 -5.10 -9.73 -0.27
CA ARG A 20 -5.36 -10.74 0.74
C ARG A 20 -6.85 -10.81 1.07
N LEU A 21 -7.49 -9.64 1.11
CA LEU A 21 -8.91 -9.57 1.42
C LEU A 21 -9.76 -10.06 0.25
N ALA A 22 -9.21 -9.97 -0.96
CA ALA A 22 -9.92 -10.40 -2.16
C ALA A 22 -10.38 -11.85 -2.03
N ASN A 23 -9.45 -12.79 -2.20
CA ASN A 23 -9.77 -14.20 -2.10
C ASN A 23 -8.52 -15.03 -1.83
N GLU A 1 11.40 9.21 5.95
CA GLU A 1 10.06 9.03 5.34
C GLU A 1 9.69 10.23 4.47
N THR A 2 9.97 10.13 3.17
CA THR A 2 9.66 11.20 2.24
C THR A 2 8.22 11.11 1.75
N ARG A 3 7.74 12.18 1.14
CA ARG A 3 6.37 12.23 0.63
C ARG A 3 6.14 11.12 -0.40
N GLU A 4 7.08 10.97 -1.32
CA GLU A 4 6.99 9.94 -2.35
C GLU A 4 7.01 8.55 -1.75
N GLN A 5 8.05 8.27 -0.96
CA GLN A 5 8.20 6.98 -0.31
C GLN A 5 6.97 6.64 0.54
N ARG A 6 6.47 7.64 1.26
CA ARG A 6 5.31 7.45 2.10
C ARG A 6 4.10 7.02 1.27
N ALA A 7 3.78 7.81 0.26
CA ALA A 7 2.66 7.51 -0.63
C ALA A 7 2.74 6.09 -1.17
N ILE A 8 3.80 5.82 -1.94
CA ILE A 8 4.01 4.50 -2.50
C ILE A 8 3.83 3.41 -1.44
N ARG A 9 4.15 3.75 -0.20
CA ARG A 9 4.00 2.82 0.91
C ARG A 9 2.52 2.55 1.16
N LEU A 10 1.73 3.61 1.07
CA LEU A 10 0.29 3.50 1.26
C LEU A 10 -0.32 2.60 0.19
N ALA A 11 0.06 2.82 -1.05
CA ALA A 11 -0.44 2.03 -2.17
C ALA A 11 -0.04 0.57 -2.03
N ARG A 12 1.23 0.33 -1.72
CA ARG A 12 1.74 -1.03 -1.56
C ARG A 12 0.99 -1.76 -0.45
N MET A 13 0.86 -1.11 0.69
CA MET A 13 0.16 -1.70 1.83
C MET A 13 -1.30 -1.98 1.50
N SER A 14 -2.01 -0.94 1.06
CA SER A 14 -3.42 -1.07 0.70
C SER A 14 -3.61 -2.11 -0.40
N ALA A 15 -2.67 -2.17 -1.34
CA ALA A 15 -2.75 -3.11 -2.44
C ALA A 15 -2.67 -4.55 -1.93
N TYR A 16 -1.63 -4.86 -1.16
CA TYR A 16 -1.45 -6.20 -0.62
C TYR A 16 -2.63 -6.58 0.27
N ALA A 17 -3.04 -5.66 1.13
CA ALA A 17 -4.16 -5.92 2.04
C ALA A 17 -5.43 -6.23 1.27
N ALA A 18 -5.75 -5.38 0.30
CA ALA A 18 -6.94 -5.58 -0.52
C ALA A 18 -6.90 -6.91 -1.25
N ARG A 19 -5.75 -7.23 -1.83
CA ARG A 19 -5.58 -8.47 -2.56
C ARG A 19 -5.69 -9.67 -1.63
N ARG A 20 -5.16 -9.52 -0.41
CA ARG A 20 -5.21 -10.60 0.57
C ARG A 20 -6.65 -10.93 0.94
N LEU A 21 -7.37 -9.95 1.46
CA LEU A 21 -8.77 -10.14 1.86
C LEU A 21 -9.69 -10.16 0.64
N ALA A 22 -9.13 -9.90 -0.54
CA ALA A 22 -9.91 -9.90 -1.77
C ALA A 22 -10.68 -11.20 -1.95
N ASN A 23 -10.11 -12.29 -1.44
CA ASN A 23 -10.74 -13.60 -1.55
C ASN A 23 -10.93 -14.00 -3.01
N GLU A 1 12.46 8.57 5.14
CA GLU A 1 10.98 8.50 4.98
C GLU A 1 10.42 9.86 4.58
N THR A 2 10.25 10.07 3.28
CA THR A 2 9.71 11.33 2.76
C THR A 2 8.29 11.13 2.25
N ARG A 3 7.76 12.17 1.59
CA ARG A 3 6.41 12.12 1.06
C ARG A 3 6.28 10.99 0.03
N GLU A 4 7.30 10.82 -0.80
CA GLU A 4 7.29 9.78 -1.82
C GLU A 4 7.18 8.40 -1.18
N GLN A 5 8.04 8.14 -0.19
CA GLN A 5 8.05 6.85 0.50
C GLN A 5 6.67 6.56 1.09
N ARG A 6 6.06 7.56 1.71
CA ARG A 6 4.75 7.40 2.32
C ARG A 6 3.72 6.99 1.26
N ALA A 7 3.62 7.78 0.20
CA ALA A 7 2.70 7.51 -0.89
C ALA A 7 2.83 6.07 -1.38
N ILE A 8 3.99 5.75 -1.92
CA ILE A 8 4.26 4.40 -2.42
C ILE A 8 3.83 3.35 -1.39
N ARG A 9 3.94 3.72 -0.12
CA ARG A 9 3.56 2.82 0.96
C ARG A 9 2.05 2.60 0.93
N LEU A 10 1.32 3.67 0.67
CA LEU A 10 -0.13 3.62 0.60
C LEU A 10 -0.56 2.71 -0.54
N ALA A 11 0.05 2.89 -1.70
CA ALA A 11 -0.27 2.08 -2.87
C ALA A 11 0.00 0.61 -2.61
N ARG A 12 1.16 0.31 -2.03
CA ARG A 12 1.54 -1.06 -1.73
C ARG A 12 0.68 -1.62 -0.60
N MET A 13 0.47 -0.82 0.43
CA MET A 13 -0.32 -1.24 1.58
C MET A 13 -1.76 -1.53 1.17
N SER A 14 -2.33 -0.67 0.32
CA SER A 14 -3.69 -0.84 -0.15
C SER A 14 -3.80 -2.04 -1.09
N ALA A 15 -2.86 -2.14 -2.01
CA ALA A 15 -2.84 -3.24 -2.96
C ALA A 15 -2.69 -4.59 -2.25
N TYR A 16 -1.69 -4.68 -1.39
CA TYR A 16 -1.45 -5.91 -0.63
C TYR A 16 -2.64 -6.24 0.26
N ALA A 17 -3.17 -5.23 0.93
CA ALA A 17 -4.31 -5.41 1.83
C ALA A 17 -5.54 -5.87 1.05
N ALA A 18 -5.80 -5.22 -0.08
CA ALA A 18 -6.95 -5.57 -0.91
C ALA A 18 -6.86 -7.01 -1.39
N ARG A 19 -5.70 -7.37 -1.94
CA ARG A 19 -5.48 -8.73 -2.44
C ARG A 19 -5.53 -9.74 -1.29
N ARG A 20 -5.02 -9.35 -0.13
CA ARG A 20 -5.00 -10.22 1.04
C ARG A 20 -6.42 -10.54 1.49
N LEU A 21 -7.19 -9.50 1.80
CA LEU A 21 -8.57 -9.68 2.25
C LEU A 21 -9.41 -10.36 1.17
N ALA A 22 -9.35 -9.83 -0.05
CA ALA A 22 -10.10 -10.40 -1.17
C ALA A 22 -9.71 -11.85 -1.42
N ASN A 23 -10.65 -12.63 -1.93
CA ASN A 23 -10.40 -14.03 -2.23
C ASN A 23 -10.00 -14.79 -0.96
N GLU A 1 12.24 8.85 4.57
CA GLU A 1 10.82 9.08 4.97
C GLU A 1 10.30 10.39 4.39
N THR A 2 9.95 10.36 3.11
CA THR A 2 9.43 11.55 2.43
C THR A 2 7.99 11.32 1.98
N ARG A 3 7.39 12.36 1.40
CA ARG A 3 6.02 12.27 0.92
C ARG A 3 5.88 11.19 -0.15
N GLU A 4 6.89 11.09 -1.02
CA GLU A 4 6.88 10.09 -2.08
C GLU A 4 6.94 8.68 -1.51
N GLN A 5 7.96 8.41 -0.71
CA GLN A 5 8.14 7.10 -0.10
C GLN A 5 6.90 6.70 0.70
N ARG A 6 6.34 7.65 1.44
CA ARG A 6 5.15 7.40 2.24
C ARG A 6 3.99 6.96 1.35
N ALA A 7 3.68 7.78 0.35
CA ALA A 7 2.60 7.49 -0.58
C ALA A 7 2.73 6.09 -1.16
N ILE A 8 3.82 5.86 -1.89
CA ILE A 8 4.07 4.57 -2.50
C ILE A 8 3.88 3.45 -1.47
N ARG A 9 4.17 3.76 -0.21
CA ARG A 9 4.02 2.79 0.87
C ARG A 9 2.54 2.48 1.06
N LEU A 10 1.72 3.51 0.98
CA LEU A 10 0.28 3.38 1.12
C LEU A 10 -0.28 2.47 0.03
N ALA A 11 0.14 2.74 -1.21
CA ALA A 11 -0.31 1.96 -2.35
C ALA A 11 0.08 0.49 -2.20
N ARG A 12 1.35 0.25 -1.90
CA ARG A 12 1.85 -1.11 -1.73
C ARG A 12 1.11 -1.81 -0.61
N MET A 13 1.00 -1.16 0.54
CA MET A 13 0.31 -1.72 1.69
C MET A 13 -1.15 -2.01 1.36
N SER A 14 -1.85 -0.99 0.87
CA SER A 14 -3.26 -1.14 0.51
C SER A 14 -3.45 -2.24 -0.53
N ALA A 15 -2.50 -2.33 -1.46
CA ALA A 15 -2.56 -3.34 -2.52
C ALA A 15 -2.53 -4.75 -1.93
N TYR A 16 -1.51 -5.02 -1.12
CA TYR A 16 -1.36 -6.33 -0.49
C TYR A 16 -2.57 -6.65 0.39
N ALA A 17 -2.98 -5.67 1.19
CA ALA A 17 -4.12 -5.84 2.08
C ALA A 17 -5.40 -6.10 1.29
N ALA A 18 -5.56 -5.39 0.18
CA ALA A 18 -6.73 -5.55 -0.67
C ALA A 18 -6.82 -6.97 -1.23
N ARG A 19 -5.71 -7.44 -1.81
CA ARG A 19 -5.67 -8.78 -2.37
C ARG A 19 -5.91 -9.84 -1.29
N ARG A 20 -5.40 -9.57 -0.09
CA ARG A 20 -5.56 -10.49 1.02
C ARG A 20 -7.03 -10.66 1.39
N LEU A 21 -7.68 -9.55 1.69
CA LEU A 21 -9.09 -9.55 2.06
C LEU A 21 -9.95 -10.14 0.93
N ALA A 22 -9.75 -9.62 -0.28
CA ALA A 22 -10.51 -10.09 -1.44
C ALA A 22 -10.07 -11.49 -1.84
N ASN A 23 -10.81 -12.10 -2.75
CA ASN A 23 -10.51 -13.45 -3.22
C ASN A 23 -10.55 -14.44 -2.07
N GLU A 1 12.55 9.23 5.01
CA GLU A 1 11.09 9.39 4.87
C GLU A 1 10.75 10.54 3.91
N THR A 2 10.58 10.21 2.63
CA THR A 2 10.26 11.22 1.63
C THR A 2 8.82 11.07 1.15
N ARG A 3 8.36 12.04 0.38
CA ARG A 3 7.00 12.02 -0.14
C ARG A 3 6.75 10.77 -0.97
N GLU A 4 7.76 10.35 -1.73
CA GLU A 4 7.65 9.17 -2.57
C GLU A 4 7.50 7.91 -1.73
N GLN A 5 8.42 7.72 -0.78
CA GLN A 5 8.39 6.56 0.10
C GLN A 5 7.06 6.46 0.83
N ARG A 6 6.61 7.58 1.38
CA ARG A 6 5.35 7.63 2.12
C ARG A 6 4.19 7.19 1.22
N ALA A 7 4.07 7.84 0.07
CA ALA A 7 3.01 7.52 -0.88
C ALA A 7 2.97 6.03 -1.18
N ILE A 8 4.03 5.51 -1.79
CA ILE A 8 4.13 4.11 -2.13
C ILE A 8 3.73 3.23 -0.93
N ARG A 9 3.98 3.76 0.28
CA ARG A 9 3.64 3.04 1.49
C ARG A 9 2.13 2.95 1.64
N LEU A 10 1.46 4.04 1.28
CA LEU A 10 0.00 4.11 1.34
C LEU A 10 -0.61 3.12 0.36
N ALA A 11 -0.12 3.14 -0.87
CA ALA A 11 -0.61 2.26 -1.91
C ALA A 11 -0.35 0.79 -1.56
N ARG A 12 0.89 0.48 -1.21
CA ARG A 12 1.25 -0.88 -0.85
C ARG A 12 0.42 -1.38 0.33
N MET A 13 0.24 -0.52 1.33
CA MET A 13 -0.53 -0.87 2.51
C MET A 13 -1.97 -1.23 2.14
N SER A 14 -2.61 -0.34 1.39
CA SER A 14 -3.99 -0.57 0.95
C SER A 14 -4.07 -1.69 -0.06
N ALA A 15 -3.07 -1.77 -0.93
CA ALA A 15 -3.02 -2.81 -1.96
C ALA A 15 -3.02 -4.20 -1.34
N TYR A 16 -2.21 -4.38 -0.31
CA TYR A 16 -2.11 -5.66 0.37
C TYR A 16 -3.45 -6.06 0.97
N ALA A 17 -4.15 -5.08 1.55
CA ALA A 17 -5.44 -5.32 2.17
C ALA A 17 -6.46 -5.79 1.14
N ALA A 18 -6.57 -5.03 0.05
CA ALA A 18 -7.51 -5.37 -1.02
C ALA A 18 -7.21 -6.75 -1.59
N ARG A 19 -5.94 -7.01 -1.86
CA ARG A 19 -5.53 -8.29 -2.40
C ARG A 19 -5.76 -9.42 -1.41
N ARG A 20 -5.55 -9.11 -0.13
CA ARG A 20 -5.74 -10.10 0.94
C ARG A 20 -7.20 -10.54 1.00
N LEU A 21 -8.11 -9.60 0.83
CA LEU A 21 -9.55 -9.90 0.87
C LEU A 21 -9.91 -10.90 -0.21
N ALA A 22 -9.20 -10.87 -1.33
CA ALA A 22 -9.46 -11.78 -2.43
C ALA A 22 -8.76 -13.11 -2.22
N ASN A 23 -9.34 -14.18 -2.77
CA ASN A 23 -8.77 -15.51 -2.63
C ASN A 23 -7.74 -15.77 -3.73
N GLU A 1 11.44 9.35 6.32
CA GLU A 1 10.91 9.01 4.97
C GLU A 1 10.46 10.25 4.21
N THR A 2 10.38 10.14 2.89
CA THR A 2 9.97 11.26 2.05
C THR A 2 8.52 11.11 1.63
N ARG A 3 7.99 12.16 0.98
CA ARG A 3 6.60 12.16 0.53
C ARG A 3 6.34 10.99 -0.41
N GLU A 4 7.27 10.75 -1.35
CA GLU A 4 7.15 9.67 -2.30
C GLU A 4 7.06 8.32 -1.59
N GLN A 5 8.01 8.08 -0.69
CA GLN A 5 8.05 6.82 0.06
C GLN A 5 6.74 6.59 0.80
N ARG A 6 6.21 7.64 1.42
CA ARG A 6 4.96 7.55 2.16
C ARG A 6 3.83 7.11 1.23
N ALA A 7 3.65 7.85 0.15
CA ALA A 7 2.60 7.55 -0.82
C ALA A 7 2.66 6.09 -1.26
N ILE A 8 3.75 5.72 -1.91
CA ILE A 8 3.95 4.35 -2.37
C ILE A 8 3.62 3.36 -1.26
N ARG A 9 3.86 3.76 -0.02
CA ARG A 9 3.57 2.93 1.13
C ARG A 9 2.06 2.72 1.25
N LEU A 10 1.31 3.79 1.01
CA LEU A 10 -0.13 3.76 1.07
C LEU A 10 -0.68 2.81 0.01
N ALA A 11 -0.17 2.95 -1.21
CA ALA A 11 -0.60 2.12 -2.33
C ALA A 11 -0.24 0.66 -2.08
N ARG A 12 1.03 0.41 -1.76
CA ARG A 12 1.50 -0.94 -1.50
C ARG A 12 0.76 -1.56 -0.32
N MET A 13 0.54 -0.76 0.71
CA MET A 13 -0.15 -1.23 1.91
C MET A 13 -1.56 -1.71 1.57
N SER A 14 -2.32 -0.85 0.91
CA SER A 14 -3.68 -1.18 0.52
C SER A 14 -3.71 -2.26 -0.56
N ALA A 15 -2.68 -2.26 -1.41
CA ALA A 15 -2.59 -3.23 -2.48
C ALA A 15 -2.47 -4.65 -1.94
N TYR A 16 -1.46 -4.86 -1.08
CA TYR A 16 -1.24 -6.17 -0.48
C TYR A 16 -2.42 -6.59 0.39
N ALA A 17 -2.87 -5.66 1.24
CA ALA A 17 -4.00 -5.93 2.13
C ALA A 17 -5.26 -6.28 1.34
N ALA A 18 -5.54 -5.48 0.32
CA ALA A 18 -6.71 -5.70 -0.53
C ALA A 18 -6.62 -7.05 -1.23
N ARG A 19 -5.43 -7.40 -1.70
CA ARG A 19 -5.22 -8.66 -2.39
C ARG A 19 -5.43 -9.83 -1.45
N ARG A 20 -4.97 -9.69 -0.22
CA ARG A 20 -5.11 -10.74 0.78
C ARG A 20 -6.58 -10.96 1.14
N LEU A 21 -7.20 -9.93 1.71
CA LEU A 21 -8.60 -10.02 2.10
C LEU A 21 -9.50 -10.27 0.90
N ALA A 22 -9.01 -9.93 -0.29
CA ALA A 22 -9.76 -10.12 -1.53
C ALA A 22 -10.25 -11.56 -1.66
N ASN A 23 -11.07 -11.81 -2.68
CA ASN A 23 -11.60 -13.15 -2.92
C ASN A 23 -10.47 -14.16 -3.13
N GLU A 1 12.95 9.62 3.91
CA GLU A 1 11.54 9.78 4.38
C GLU A 1 10.88 10.99 3.74
N THR A 2 10.43 10.83 2.49
CA THR A 2 9.78 11.91 1.78
C THR A 2 8.31 11.60 1.53
N ARG A 3 7.59 12.56 0.97
CA ARG A 3 6.17 12.39 0.69
C ARG A 3 5.94 11.22 -0.26
N GLU A 4 6.82 11.09 -1.26
CA GLU A 4 6.72 10.01 -2.23
C GLU A 4 6.80 8.65 -1.55
N GLN A 5 7.82 8.47 -0.71
CA GLN A 5 8.01 7.22 0.01
C GLN A 5 6.77 6.85 0.80
N ARG A 6 6.19 7.83 1.48
CA ARG A 6 4.99 7.61 2.29
C ARG A 6 3.85 7.11 1.41
N ALA A 7 3.53 7.87 0.37
CA ALA A 7 2.46 7.51 -0.56
C ALA A 7 2.61 6.07 -1.03
N ILE A 8 3.70 5.79 -1.75
CA ILE A 8 3.97 4.46 -2.27
C ILE A 8 3.79 3.42 -1.17
N ARG A 9 4.08 3.81 0.06
CA ARG A 9 3.93 2.93 1.21
C ARG A 9 2.45 2.60 1.42
N LEU A 10 1.62 3.61 1.24
CA LEU A 10 0.18 3.46 1.39
C LEU A 10 -0.36 2.49 0.33
N ALA A 11 0.05 2.71 -0.91
CA ALA A 11 -0.39 1.87 -2.02
C ALA A 11 0.03 0.42 -1.81
N ARG A 12 1.33 0.22 -1.54
CA ARG A 12 1.86 -1.11 -1.32
C ARG A 12 1.16 -1.80 -0.15
N MET A 13 1.10 -1.10 0.99
CA MET A 13 0.46 -1.64 2.17
C MET A 13 -1.01 -1.97 1.90
N SER A 14 -1.71 -1.04 1.27
CA SER A 14 -3.12 -1.23 0.95
C SER A 14 -3.29 -2.30 -0.11
N ALA A 15 -2.35 -2.37 -1.05
CA ALA A 15 -2.40 -3.35 -2.12
C ALA A 15 -2.37 -4.76 -1.55
N TYR A 16 -1.45 -5.01 -0.64
CA TYR A 16 -1.31 -6.33 -0.01
C TYR A 16 -2.60 -6.72 0.71
N ALA A 17 -3.17 -5.76 1.46
CA ALA A 17 -4.39 -6.01 2.19
C ALA A 17 -5.54 -6.33 1.25
N ALA A 18 -5.60 -5.62 0.13
CA ALA A 18 -6.65 -5.84 -0.86
C ALA A 18 -6.52 -7.23 -1.49
N ARG A 19 -5.30 -7.71 -1.60
CA ARG A 19 -5.04 -9.02 -2.18
C ARG A 19 -5.47 -10.14 -1.22
N ARG A 20 -5.06 -10.03 0.04
CA ARG A 20 -5.40 -11.02 1.04
C ARG A 20 -6.91 -11.03 1.29
N LEU A 21 -7.54 -9.87 1.13
CA LEU A 21 -8.98 -9.75 1.34
C LEU A 21 -9.74 -9.85 0.03
N ALA A 22 -9.16 -10.57 -0.93
CA ALA A 22 -9.79 -10.74 -2.25
C ALA A 22 -10.87 -11.80 -2.20
N ASN A 23 -11.75 -11.79 -3.19
CA ASN A 23 -12.84 -12.77 -3.26
C ASN A 23 -12.31 -14.14 -3.63
N GLU A 1 13.21 10.75 3.68
CA GLU A 1 11.74 10.60 3.80
C GLU A 1 11.01 11.60 2.92
N THR A 2 10.42 11.10 1.84
CA THR A 2 9.68 11.95 0.90
C THR A 2 8.20 11.55 0.85
N ARG A 3 7.37 12.45 0.35
CA ARG A 3 5.93 12.21 0.26
C ARG A 3 5.67 10.97 -0.59
N GLU A 4 6.47 10.77 -1.64
CA GLU A 4 6.32 9.63 -2.52
C GLU A 4 6.53 8.32 -1.77
N GLN A 5 7.58 8.27 -0.96
CA GLN A 5 7.90 7.08 -0.19
C GLN A 5 6.72 6.68 0.70
N ARG A 6 6.19 7.65 1.43
CA ARG A 6 5.05 7.41 2.32
C ARG A 6 3.87 6.87 1.53
N ALA A 7 3.48 7.59 0.48
CA ALA A 7 2.36 7.19 -0.37
C ALA A 7 2.52 5.74 -0.84
N ILE A 8 3.56 5.50 -1.63
CA ILE A 8 3.82 4.16 -2.15
C ILE A 8 3.75 3.12 -1.03
N ARG A 9 4.05 3.55 0.18
CA ARG A 9 4.01 2.68 1.35
C ARG A 9 2.57 2.32 1.67
N LEU A 10 1.68 3.31 1.54
CA LEU A 10 0.28 3.13 1.80
C LEU A 10 -0.33 2.16 0.79
N ALA A 11 -0.02 2.38 -0.48
CA ALA A 11 -0.52 1.53 -1.55
C ALA A 11 -0.07 0.09 -1.38
N ARG A 12 1.21 -0.09 -1.06
CA ARG A 12 1.77 -1.42 -0.87
C ARG A 12 1.10 -2.13 0.30
N MET A 13 1.12 -1.48 1.47
CA MET A 13 0.52 -2.05 2.67
C MET A 13 -0.96 -2.36 2.44
N SER A 14 -1.68 -1.40 1.86
CA SER A 14 -3.10 -1.58 1.58
C SER A 14 -3.31 -2.60 0.47
N ALA A 15 -2.37 -2.65 -0.47
CA ALA A 15 -2.44 -3.58 -1.58
C ALA A 15 -2.46 -5.03 -1.09
N TYR A 16 -1.57 -5.33 -0.15
CA TYR A 16 -1.49 -6.68 0.41
C TYR A 16 -2.81 -7.06 1.08
N ALA A 17 -3.35 -6.13 1.86
CA ALA A 17 -4.61 -6.36 2.55
C ALA A 17 -5.74 -6.60 1.57
N ALA A 18 -5.88 -5.70 0.61
CA ALA A 18 -6.93 -5.81 -0.40
C ALA A 18 -6.79 -7.11 -1.19
N ARG A 19 -5.55 -7.47 -1.51
CA ARG A 19 -5.28 -8.69 -2.24
C ARG A 19 -5.74 -9.91 -1.46
N ARG A 20 -5.57 -9.85 -0.14
CA ARG A 20 -5.98 -10.95 0.72
C ARG A 20 -7.50 -11.07 0.78
N LEU A 21 -8.15 -10.06 1.35
CA LEU A 21 -9.60 -10.07 1.46
C LEU A 21 -10.25 -10.15 0.09
N ALA A 22 -9.78 -9.32 -0.84
CA ALA A 22 -10.33 -9.29 -2.19
C ALA A 22 -9.64 -10.34 -3.08
N ASN A 23 -10.17 -10.53 -4.28
CA ASN A 23 -9.61 -11.49 -5.22
C ASN A 23 -8.63 -10.81 -6.17
N GLU A 1 11.73 8.78 6.46
CA GLU A 1 10.54 8.64 5.58
C GLU A 1 10.32 9.90 4.75
N THR A 2 10.35 9.74 3.42
CA THR A 2 10.15 10.87 2.52
C THR A 2 8.76 10.82 1.89
N ARG A 3 8.39 11.88 1.18
CA ARG A 3 7.09 11.96 0.53
C ARG A 3 6.87 10.79 -0.41
N GLU A 4 7.91 10.43 -1.16
CA GLU A 4 7.83 9.32 -2.10
C GLU A 4 7.54 8.01 -1.38
N GLN A 5 8.39 7.69 -0.40
CA GLN A 5 8.24 6.46 0.38
C GLN A 5 6.85 6.38 1.01
N ARG A 6 6.36 7.52 1.49
CA ARG A 6 5.05 7.58 2.12
C ARG A 6 3.96 7.19 1.13
N ALA A 7 3.91 7.92 0.01
CA ALA A 7 2.92 7.66 -1.03
C ALA A 7 2.91 6.19 -1.42
N ILE A 8 4.03 5.73 -1.98
CA ILE A 8 4.16 4.34 -2.40
C ILE A 8 3.67 3.40 -1.31
N ARG A 9 3.84 3.81 -0.06
CA ARG A 9 3.40 3.01 1.07
C ARG A 9 1.88 2.92 1.07
N LEU A 10 1.24 4.04 0.77
CA LEU A 10 -0.20 4.11 0.72
C LEU A 10 -0.73 3.18 -0.36
N ALA A 11 -0.12 3.25 -1.54
CA ALA A 11 -0.52 2.42 -2.66
C ALA A 11 -0.29 0.94 -2.36
N ARG A 12 0.87 0.64 -1.78
CA ARG A 12 1.22 -0.74 -1.43
C ARG A 12 0.31 -1.28 -0.32
N MET A 13 0.07 -0.45 0.69
CA MET A 13 -0.77 -0.84 1.81
C MET A 13 -2.19 -1.19 1.33
N SER A 14 -2.76 -0.31 0.53
CA SER A 14 -4.10 -0.52 -0.01
C SER A 14 -4.13 -1.68 -0.99
N ALA A 15 -3.08 -1.77 -1.80
CA ALA A 15 -2.99 -2.84 -2.79
C ALA A 15 -2.88 -4.21 -2.12
N TYR A 16 -1.92 -4.34 -1.22
CA TYR A 16 -1.71 -5.61 -0.51
C TYR A 16 -2.94 -5.97 0.31
N ALA A 17 -3.54 -4.98 0.96
CA ALA A 17 -4.72 -5.20 1.78
C ALA A 17 -5.88 -5.73 0.94
N ALA A 18 -6.18 -5.03 -0.14
CA ALA A 18 -7.26 -5.42 -1.04
C ALA A 18 -7.03 -6.82 -1.60
N ARG A 19 -5.79 -7.08 -2.04
CA ARG A 19 -5.43 -8.37 -2.59
C ARG A 19 -5.38 -9.44 -1.50
N ARG A 20 -4.99 -9.04 -0.30
CA ARG A 20 -4.90 -9.95 0.83
C ARG A 20 -6.27 -10.54 1.17
N LEU A 21 -7.21 -9.66 1.50
CA LEU A 21 -8.56 -10.09 1.86
C LEU A 21 -9.17 -10.97 0.77
N ALA A 22 -8.67 -10.82 -0.46
CA ALA A 22 -9.18 -11.60 -1.58
C ALA A 22 -9.16 -13.10 -1.27
N ASN A 23 -10.04 -13.84 -1.92
CA ASN A 23 -10.13 -15.28 -1.72
C ASN A 23 -10.49 -15.60 -0.27
N GLU A 1 10.19 8.18 6.94
CA GLU A 1 10.11 8.02 5.46
C GLU A 1 9.76 9.33 4.79
N THR A 2 10.32 9.56 3.60
CA THR A 2 10.08 10.78 2.85
C THR A 2 8.68 10.77 2.25
N ARG A 3 8.31 11.88 1.60
CA ARG A 3 7.00 12.00 0.98
C ARG A 3 6.80 10.94 -0.10
N GLU A 4 7.83 10.73 -0.91
CA GLU A 4 7.77 9.75 -1.99
C GLU A 4 7.63 8.34 -1.43
N GLN A 5 8.58 7.94 -0.59
CA GLN A 5 8.56 6.62 0.03
C GLN A 5 7.23 6.37 0.74
N ARG A 6 6.76 7.37 1.46
CA ARG A 6 5.50 7.26 2.19
C ARG A 6 4.35 7.02 1.22
N ALA A 7 4.19 7.94 0.26
CA ALA A 7 3.13 7.83 -0.73
C ALA A 7 3.06 6.44 -1.33
N ILE A 8 4.11 6.06 -2.06
CA ILE A 8 4.19 4.74 -2.68
C ILE A 8 3.83 3.66 -1.66
N ARG A 9 4.13 3.91 -0.40
CA ARG A 9 3.83 2.97 0.66
C ARG A 9 2.31 2.88 0.82
N LEU A 10 1.65 4.03 0.74
CA LEU A 10 0.20 4.09 0.87
C LEU A 10 -0.46 3.28 -0.25
N ALA A 11 0.00 3.51 -1.48
CA ALA A 11 -0.53 2.81 -2.63
C ALA A 11 -0.35 1.30 -2.50
N ARG A 12 0.87 0.90 -2.15
CA ARG A 12 1.19 -0.51 -1.99
C ARG A 12 0.37 -1.11 -0.85
N MET A 13 0.16 -0.33 0.20
CA MET A 13 -0.61 -0.77 1.36
C MET A 13 -2.04 -1.12 0.95
N SER A 14 -2.72 -0.19 0.29
CA SER A 14 -4.08 -0.41 -0.15
C SER A 14 -4.17 -1.59 -1.10
N ALA A 15 -3.20 -1.68 -2.00
CA ALA A 15 -3.16 -2.78 -2.96
C ALA A 15 -2.99 -4.12 -2.27
N TYR A 16 -2.00 -4.21 -1.39
CA TYR A 16 -1.73 -5.43 -0.64
C TYR A 16 -2.97 -5.86 0.14
N ALA A 17 -3.62 -4.89 0.78
CA ALA A 17 -4.82 -5.17 1.57
C ALA A 17 -5.91 -5.76 0.69
N ALA A 18 -6.12 -5.17 -0.47
CA ALA A 18 -7.13 -5.65 -1.40
C ALA A 18 -6.83 -7.08 -1.84
N ARG A 19 -5.55 -7.40 -1.92
CA ARG A 19 -5.12 -8.73 -2.32
C ARG A 19 -5.45 -9.76 -1.25
N ARG A 20 -5.05 -9.48 -0.01
CA ARG A 20 -5.30 -10.37 1.10
C ARG A 20 -6.78 -10.39 1.47
N LEU A 21 -7.48 -9.31 1.14
CA LEU A 21 -8.91 -9.21 1.44
C LEU A 21 -9.68 -10.37 0.85
N ALA A 22 -9.19 -10.89 -0.28
CA ALA A 22 -9.83 -12.01 -0.94
C ALA A 22 -9.67 -13.30 -0.14
N ASN A 23 -10.03 -14.42 -0.75
CA ASN A 23 -9.92 -15.72 -0.10
C ASN A 23 -9.86 -16.84 -1.13
N GLU A 1 11.56 8.21 5.26
CA GLU A 1 10.11 8.21 4.97
C GLU A 1 9.62 9.58 4.51
N THR A 2 9.81 9.87 3.22
CA THR A 2 9.40 11.14 2.66
C THR A 2 8.01 11.03 2.03
N ARG A 3 7.56 12.13 1.41
CA ARG A 3 6.25 12.16 0.77
C ARG A 3 6.14 11.07 -0.30
N GLU A 4 7.23 10.86 -1.04
CA GLU A 4 7.26 9.85 -2.09
C GLU A 4 7.21 8.45 -1.49
N GLN A 5 8.19 8.12 -0.66
CA GLN A 5 8.26 6.81 -0.04
C GLN A 5 6.98 6.50 0.73
N ARG A 6 6.48 7.48 1.46
CA ARG A 6 5.25 7.31 2.23
C ARG A 6 4.09 6.96 1.32
N ALA A 7 3.85 7.81 0.32
CA ALA A 7 2.77 7.59 -0.64
C ALA A 7 2.82 6.18 -1.20
N ILE A 8 3.88 5.87 -1.92
CA ILE A 8 4.07 4.55 -2.52
C ILE A 8 3.77 3.46 -1.49
N ARG A 9 4.06 3.76 -0.23
CA ARG A 9 3.81 2.82 0.85
C ARG A 9 2.32 2.60 1.01
N LEU A 10 1.56 3.69 0.91
CA LEU A 10 0.13 3.64 1.03
C LEU A 10 -0.47 2.79 -0.09
N ALA A 11 0.00 3.02 -1.30
CA ALA A 11 -0.47 2.29 -2.47
C ALA A 11 -0.11 0.81 -2.36
N ARG A 12 1.15 0.54 -2.04
CA ARG A 12 1.63 -0.84 -1.90
C ARG A 12 0.89 -1.57 -0.78
N MET A 13 0.81 -0.92 0.38
CA MET A 13 0.13 -1.50 1.53
C MET A 13 -1.33 -1.79 1.22
N SER A 14 -2.03 -0.77 0.71
CA SER A 14 -3.44 -0.91 0.36
C SER A 14 -3.64 -2.02 -0.66
N ALA A 15 -2.71 -2.12 -1.60
CA ALA A 15 -2.79 -3.14 -2.65
C ALA A 15 -2.73 -4.55 -2.04
N TYR A 16 -1.71 -4.78 -1.22
CA TYR A 16 -1.55 -6.08 -0.57
C TYR A 16 -2.76 -6.42 0.29
N ALA A 17 -3.21 -5.44 1.08
CA ALA A 17 -4.37 -5.64 1.94
C ALA A 17 -5.61 -5.95 1.13
N ALA A 18 -5.72 -5.31 -0.03
CA ALA A 18 -6.87 -5.52 -0.91
C ALA A 18 -6.85 -6.93 -1.50
N ARG A 19 -5.65 -7.47 -1.67
CA ARG A 19 -5.48 -8.80 -2.22
C ARG A 19 -5.84 -9.87 -1.18
N ARG A 20 -5.28 -9.75 0.01
CA ARG A 20 -5.54 -10.69 1.07
C ARG A 20 -6.99 -10.61 1.55
N LEU A 21 -7.51 -9.38 1.60
CA LEU A 21 -8.88 -9.16 2.04
C LEU A 21 -9.87 -9.76 1.04
N ALA A 22 -9.51 -9.73 -0.23
CA ALA A 22 -10.36 -10.28 -1.28
C ALA A 22 -10.30 -11.80 -1.32
N ASN A 23 -9.15 -12.32 -1.75
CA ASN A 23 -8.95 -13.77 -1.83
C ASN A 23 -9.95 -14.39 -2.79
N GLU A 1 11.30 8.62 5.76
CA GLU A 1 9.94 8.61 5.14
C GLU A 1 9.72 9.84 4.27
N THR A 2 10.20 9.78 3.03
CA THR A 2 10.06 10.89 2.10
C THR A 2 8.65 10.93 1.52
N ARG A 3 8.39 11.92 0.66
CA ARG A 3 7.08 12.06 0.04
C ARG A 3 6.74 10.84 -0.81
N GLU A 4 7.64 10.51 -1.74
CA GLU A 4 7.45 9.38 -2.62
C GLU A 4 7.36 8.07 -1.83
N GLN A 5 8.32 7.87 -0.92
CA GLN A 5 8.36 6.67 -0.10
C GLN A 5 7.05 6.50 0.68
N ARG A 6 6.60 7.59 1.29
CA ARG A 6 5.36 7.56 2.07
C ARG A 6 4.19 7.14 1.20
N ALA A 7 4.00 7.84 0.09
CA ALA A 7 2.92 7.55 -0.84
C ALA A 7 2.90 6.07 -1.22
N ILE A 8 3.96 5.62 -1.89
CA ILE A 8 4.07 4.23 -2.30
C ILE A 8 3.75 3.30 -1.15
N ARG A 9 4.04 3.74 0.08
CA ARG A 9 3.75 2.96 1.27
C ARG A 9 2.25 2.82 1.45
N LEU A 10 1.54 3.91 1.18
CA LEU A 10 0.10 3.94 1.30
C LEU A 10 -0.54 3.00 0.28
N ALA A 11 -0.09 3.10 -0.97
CA ALA A 11 -0.61 2.26 -2.05
C ALA A 11 -0.34 0.79 -1.78
N ARG A 12 0.93 0.46 -1.53
CA ARG A 12 1.32 -0.92 -1.27
C ARG A 12 0.57 -1.47 -0.05
N MET A 13 0.40 -0.63 0.96
CA MET A 13 -0.30 -1.03 2.18
C MET A 13 -1.76 -1.36 1.88
N SER A 14 -2.46 -0.44 1.22
CA SER A 14 -3.86 -0.63 0.87
C SER A 14 -4.02 -1.70 -0.19
N ALA A 15 -3.11 -1.71 -1.16
CA ALA A 15 -3.16 -2.69 -2.24
C ALA A 15 -3.07 -4.11 -1.69
N TYR A 16 -2.12 -4.33 -0.79
CA TYR A 16 -1.94 -5.64 -0.20
C TYR A 16 -3.21 -6.10 0.52
N ALA A 17 -3.82 -5.19 1.25
CA ALA A 17 -5.05 -5.49 2.00
C ALA A 17 -6.15 -5.93 1.05
N ALA A 18 -6.35 -5.18 -0.01
CA ALA A 18 -7.37 -5.49 -0.99
C ALA A 18 -7.13 -6.84 -1.65
N ARG A 19 -5.85 -7.21 -1.75
CA ARG A 19 -5.46 -8.48 -2.36
C ARG A 19 -5.70 -9.65 -1.41
N ARG A 20 -5.28 -9.50 -0.16
CA ARG A 20 -5.44 -10.54 0.83
C ARG A 20 -6.92 -10.87 1.07
N LEU A 21 -7.73 -9.82 1.24
CA LEU A 21 -9.16 -10.02 1.48
C LEU A 21 -9.84 -10.64 0.28
N ALA A 22 -9.30 -10.36 -0.91
CA ALA A 22 -9.86 -10.89 -2.15
C ALA A 22 -9.65 -12.41 -2.23
N ASN A 23 -8.52 -12.87 -1.72
CA ASN A 23 -8.20 -14.29 -1.73
C ASN A 23 -8.09 -14.81 -3.17
N GLU A 1 9.68 8.16 6.88
CA GLU A 1 9.77 7.87 5.43
C GLU A 1 9.63 9.14 4.59
N THR A 2 10.36 9.21 3.49
CA THR A 2 10.32 10.37 2.61
C THR A 2 8.94 10.54 2.00
N ARG A 3 8.73 11.66 1.30
CA ARG A 3 7.45 11.94 0.67
C ARG A 3 7.09 10.85 -0.33
N GLU A 4 8.02 10.56 -1.24
CA GLU A 4 7.79 9.54 -2.25
C GLU A 4 7.58 8.17 -1.62
N GLN A 5 8.49 7.79 -0.73
CA GLN A 5 8.40 6.51 -0.03
C GLN A 5 7.07 6.37 0.70
N ARG A 6 6.66 7.45 1.36
CA ARG A 6 5.39 7.44 2.10
C ARG A 6 4.23 7.17 1.17
N ALA A 7 4.12 7.98 0.11
CA ALA A 7 3.05 7.81 -0.87
C ALA A 7 2.96 6.38 -1.36
N ILE A 8 4.03 5.94 -2.02
CA ILE A 8 4.09 4.57 -2.55
C ILE A 8 3.66 3.57 -1.49
N ARG A 9 3.94 3.90 -0.22
CA ARG A 9 3.56 3.04 0.88
C ARG A 9 2.04 2.98 0.99
N LEU A 10 1.41 4.13 0.81
CA LEU A 10 -0.03 4.23 0.86
C LEU A 10 -0.67 3.38 -0.24
N ALA A 11 -0.15 3.52 -1.46
CA ALA A 11 -0.64 2.77 -2.59
C ALA A 11 -0.41 1.28 -2.41
N ARG A 12 0.80 0.92 -1.98
CA ARG A 12 1.15 -0.48 -1.76
C ARG A 12 0.34 -1.06 -0.60
N MET A 13 0.19 -0.27 0.45
CA MET A 13 -0.56 -0.72 1.63
C MET A 13 -2.00 -1.05 1.27
N SER A 14 -2.64 -0.17 0.48
CA SER A 14 -4.01 -0.37 0.06
C SER A 14 -4.11 -1.55 -0.90
N ALA A 15 -3.16 -1.65 -1.82
CA ALA A 15 -3.15 -2.73 -2.80
C ALA A 15 -2.99 -4.08 -2.11
N TYR A 16 -2.05 -4.16 -1.17
CA TYR A 16 -1.80 -5.39 -0.43
C TYR A 16 -3.04 -5.81 0.36
N ALA A 17 -3.69 -4.83 0.98
CA ALA A 17 -4.88 -5.10 1.78
C ALA A 17 -5.98 -5.69 0.91
N ALA A 18 -6.23 -5.05 -0.23
CA ALA A 18 -7.26 -5.52 -1.16
C ALA A 18 -6.94 -6.91 -1.67
N ARG A 19 -5.65 -7.23 -1.75
CA ARG A 19 -5.21 -8.53 -2.22
C ARG A 19 -5.44 -9.60 -1.16
N ARG A 20 -4.99 -9.33 0.07
CA ARG A 20 -5.14 -10.28 1.16
C ARG A 20 -6.62 -10.45 1.53
N LEU A 21 -7.40 -9.39 1.31
CA LEU A 21 -8.82 -9.41 1.64
C LEU A 21 -9.53 -10.54 0.87
N ALA A 22 -9.04 -10.84 -0.32
CA ALA A 22 -9.61 -11.89 -1.14
C ALA A 22 -9.04 -13.25 -0.78
N ASN A 23 -9.61 -14.31 -1.34
CA ASN A 23 -9.15 -15.67 -1.09
C ASN A 23 -9.87 -16.68 -1.98
#